data_5TEK
#
_entry.id   5TEK
#
_cell.length_a   60.569
_cell.length_b   122.607
_cell.length_c   80.846
_cell.angle_alpha   90.000
_cell.angle_beta   90.000
_cell.angle_gamma   90.000
#
_symmetry.space_group_name_H-M   'P 21 21 2'
#
loop_
_entity.id
_entity.type
_entity.pdbx_description
1 polymer '4-hydroxy-tetrahydrodipicolinate reductase'
2 non-polymer 'CHLORIDE ION'
3 non-polymer 'SODIUM ION'
4 non-polymer 'TETRAETHYLENE GLYCOL'
5 water water
#
_entity_poly.entity_id   1
_entity_poly.type   'polypeptide(L)'
_entity_poly.pdbx_seq_one_letter_code
;QSGSGMRVGVLGAKGKVGATMVRAVAAADDLTLSAELDAGDPLSLLTDGNTEVVIDFTHPDVVMGNLEFLIDNGIHAVVG
TTGFTAERFQQVESWLVAKPNTSVLIAPNFAIGAVLSMHFAKQAARFFDSAEVIELHHPHKADAPSGTAARTAKLIAEAR
KGLPPNPDATSTSLPGARGADVDGIPVHAVRLAGLVAHQEVLFGTEGETLTIRHDSLDRTSFVPGVLLAVRRIAERPGLT
VGLEPLLDLH
;
_entity_poly.pdbx_strand_id   A,B
#
loop_
_chem_comp.id
_chem_comp.type
_chem_comp.name
_chem_comp.formula
CL non-polymer 'CHLORIDE ION' 'Cl -1'
NA non-polymer 'SODIUM ION' 'Na 1'
PG4 non-polymer 'TETRAETHYLENE GLYCOL' 'C8 H18 O5'
#
# COMPACT_ATOMS: atom_id res chain seq x y z
N GLN A 1 -38.36 6.67 -17.36
CA GLN A 1 -38.26 6.48 -15.87
C GLN A 1 -36.83 6.46 -15.33
N SER A 2 -35.88 6.12 -16.21
CA SER A 2 -34.48 6.15 -15.85
C SER A 2 -34.16 7.55 -15.31
N GLY A 3 -33.60 7.58 -14.11
CA GLY A 3 -33.27 8.83 -13.45
C GLY A 3 -32.23 9.58 -14.25
N SER A 4 -32.38 10.89 -14.31
CA SER A 4 -31.35 11.73 -14.94
C SER A 4 -30.18 11.73 -13.97
N GLY A 5 -29.00 12.14 -14.42
CA GLY A 5 -27.86 12.13 -13.52
C GLY A 5 -27.92 13.10 -12.35
N MET A 6 -26.96 12.88 -11.47
CA MET A 6 -26.68 13.72 -10.34
C MET A 6 -26.36 15.12 -10.86
N ARG A 7 -26.97 16.13 -10.27
CA ARG A 7 -26.78 17.54 -10.67
C ARG A 7 -25.59 18.20 -9.99
N VAL A 8 -24.56 18.44 -10.78
CA VAL A 8 -23.23 18.86 -10.31
C VAL A 8 -22.95 20.27 -10.76
N GLY A 9 -22.62 21.16 -9.83
CA GLY A 9 -22.15 22.50 -10.17
C GLY A 9 -20.64 22.62 -9.95
N VAL A 10 -19.99 23.51 -10.68
CA VAL A 10 -18.54 23.74 -10.50
C VAL A 10 -18.35 25.19 -10.14
N LEU A 11 -17.70 25.47 -9.02
CA LEU A 11 -17.31 26.84 -8.66
C LEU A 11 -15.86 27.08 -9.07
N GLY A 12 -15.52 28.31 -9.44
CA GLY A 12 -14.19 28.60 -10.02
C GLY A 12 -14.04 27.97 -11.40
N ALA A 13 -15.12 28.00 -12.18
CA ALA A 13 -15.21 27.26 -13.48
C ALA A 13 -14.27 27.74 -14.59
N LYS A 14 -13.78 28.97 -14.48
CA LYS A 14 -12.79 29.51 -15.44
C LYS A 14 -11.34 29.36 -15.00
N GLY A 15 -11.12 28.92 -13.75
CA GLY A 15 -9.80 28.47 -13.33
C GLY A 15 -9.38 27.21 -14.07
N LYS A 16 -8.10 26.89 -14.00
CA LYS A 16 -7.53 25.75 -14.73
C LYS A 16 -8.13 24.42 -14.24
N VAL A 17 -8.26 24.25 -12.93
CA VAL A 17 -8.84 23.01 -12.40
C VAL A 17 -10.33 22.94 -12.71
N GLY A 18 -11.04 24.03 -12.42
CA GLY A 18 -12.49 24.13 -12.67
C GLY A 18 -12.91 23.80 -14.08
N ALA A 19 -12.24 24.41 -15.06
CA ALA A 19 -12.54 24.24 -16.48
C ALA A 19 -12.38 22.79 -16.89
N THR A 20 -11.34 22.14 -16.36
CA THR A 20 -11.11 20.71 -16.58
C THR A 20 -12.27 19.89 -16.03
N MET A 21 -12.69 20.23 -14.81
CA MET A 21 -13.79 19.51 -14.16
C MET A 21 -15.12 19.75 -14.91
N VAL A 22 -15.34 20.96 -15.40
CA VAL A 22 -16.53 21.26 -16.26
C VAL A 22 -16.61 20.30 -17.44
N ARG A 23 -15.49 20.14 -18.13
CA ARG A 23 -15.44 19.21 -19.26
C ARG A 23 -15.69 17.75 -18.85
N ALA A 24 -15.14 17.36 -17.71
CA ALA A 24 -15.26 15.98 -17.25
C ALA A 24 -16.67 15.68 -16.78
N VAL A 25 -17.29 16.64 -16.11
CA VAL A 25 -18.70 16.47 -15.72
C VAL A 25 -19.60 16.38 -16.96
N ALA A 26 -19.36 17.22 -17.95
CA ALA A 26 -20.17 17.17 -19.19
C ALA A 26 -20.02 15.83 -19.88
N ALA A 27 -18.79 15.32 -19.97
CA ALA A 27 -18.52 14.01 -20.59
C ALA A 27 -19.11 12.82 -19.86
N ALA A 28 -19.20 12.88 -18.54
CA ALA A 28 -19.71 11.74 -17.76
C ALA A 28 -21.21 11.53 -17.99
N ASP A 29 -21.59 10.30 -18.27
CA ASP A 29 -22.99 9.96 -18.59
C ASP A 29 -23.95 10.03 -17.38
N ASP A 30 -23.44 9.78 -16.19
CA ASP A 30 -24.27 9.75 -14.97
C ASP A 30 -24.34 11.11 -14.23
N LEU A 31 -23.65 12.12 -14.74
CA LEU A 31 -23.59 13.47 -14.10
C LEU A 31 -24.09 14.53 -15.05
N THR A 32 -24.91 15.45 -14.54
CA THR A 32 -25.46 16.57 -15.31
C THR A 32 -24.89 17.88 -14.77
N LEU A 33 -24.26 18.66 -15.62
CA LEU A 33 -23.69 19.92 -15.20
C LEU A 33 -24.85 20.91 -14.99
N SER A 34 -25.07 21.37 -13.77
CA SER A 34 -26.18 22.20 -13.45
C SER A 34 -25.78 23.64 -13.21
N ALA A 35 -24.49 23.92 -13.14
CA ALA A 35 -24.00 25.28 -12.94
C ALA A 35 -22.52 25.34 -13.21
N GLU A 36 -22.08 26.44 -13.77
CA GLU A 36 -20.63 26.69 -13.91
C GLU A 36 -20.35 28.15 -13.60
N LEU A 37 -19.95 28.40 -12.37
CA LEU A 37 -19.83 29.74 -11.81
C LEU A 37 -18.39 30.13 -11.60
N ASP A 38 -18.11 31.42 -11.81
CA ASP A 38 -16.84 31.99 -11.38
C ASP A 38 -17.14 33.28 -10.65
N ALA A 39 -16.11 33.95 -10.14
CA ALA A 39 -16.29 35.19 -9.39
C ALA A 39 -17.16 36.20 -10.17
N GLY A 40 -18.11 36.79 -9.47
CA GLY A 40 -19.16 37.62 -10.07
C GLY A 40 -20.52 36.97 -10.14
N ASP A 41 -20.58 35.63 -10.20
CA ASP A 41 -21.87 34.91 -10.34
C ASP A 41 -22.51 34.68 -8.97
N PRO A 42 -23.78 35.04 -8.79
CA PRO A 42 -24.35 34.75 -7.45
C PRO A 42 -24.60 33.26 -7.22
N LEU A 43 -24.36 32.84 -5.98
CA LEU A 43 -24.52 31.46 -5.56
C LEU A 43 -25.95 30.96 -5.64
N SER A 44 -26.91 31.87 -5.61
CA SER A 44 -28.33 31.55 -5.84
C SER A 44 -28.58 30.81 -7.17
N LEU A 45 -27.70 31.00 -8.15
CA LEU A 45 -27.72 30.18 -9.38
C LEU A 45 -27.65 28.67 -9.12
N LEU A 46 -26.97 28.27 -8.05
CA LEU A 46 -26.89 26.87 -7.64
C LEU A 46 -28.21 26.31 -7.22
N THR A 47 -28.93 27.07 -6.37
CA THR A 47 -30.28 26.66 -5.91
C THR A 47 -31.35 26.86 -7.00
N ASP A 48 -31.26 27.93 -7.76
CA ASP A 48 -32.16 28.14 -8.93
C ASP A 48 -32.19 26.96 -9.91
N GLY A 49 -31.04 26.33 -10.12
CA GLY A 49 -30.92 25.16 -11.00
C GLY A 49 -30.87 23.78 -10.35
N ASN A 50 -31.28 23.69 -9.08
CA ASN A 50 -31.32 22.43 -8.31
C ASN A 50 -30.00 21.67 -8.32
N THR A 51 -28.92 22.39 -8.06
CA THR A 51 -27.62 21.71 -7.92
C THR A 51 -27.62 20.85 -6.64
N GLU A 52 -27.15 19.61 -6.74
CA GLU A 52 -27.03 18.72 -5.56
C GLU A 52 -25.64 18.69 -4.90
N VAL A 53 -24.58 18.81 -5.69
CA VAL A 53 -23.21 18.74 -5.22
C VAL A 53 -22.43 19.73 -6.04
N VAL A 54 -21.45 20.39 -5.43
CA VAL A 54 -20.52 21.20 -6.16
C VAL A 54 -19.07 20.71 -5.99
N ILE A 55 -18.30 20.99 -7.02
CA ILE A 55 -16.87 20.91 -7.01
C ILE A 55 -16.35 22.32 -6.85
N ASP A 56 -15.54 22.53 -5.82
CA ASP A 56 -14.96 23.83 -5.49
C ASP A 56 -13.43 23.83 -5.39
N PHE A 57 -12.82 24.40 -6.42
CA PHE A 57 -11.41 24.77 -6.45
C PHE A 57 -11.37 26.27 -6.72
N THR A 58 -11.65 27.06 -5.70
CA THR A 58 -11.69 28.51 -5.85
C THR A 58 -10.40 29.06 -5.22
N HIS A 59 -10.51 29.91 -4.20
CA HIS A 59 -9.35 30.56 -3.59
C HIS A 59 -9.60 30.56 -2.09
N PRO A 60 -8.55 30.42 -1.25
CA PRO A 60 -8.78 30.38 0.21
C PRO A 60 -9.60 31.55 0.78
N ASP A 61 -9.55 32.69 0.14
CA ASP A 61 -10.29 33.90 0.54
C ASP A 61 -11.80 33.83 0.37
N VAL A 62 -12.29 32.95 -0.49
CA VAL A 62 -13.74 32.88 -0.76
C VAL A 62 -14.41 31.58 -0.31
N VAL A 63 -13.62 30.54 -0.08
CA VAL A 63 -14.14 29.19 0.08
C VAL A 63 -15.06 29.05 1.29
N MET A 64 -14.75 29.77 2.36
CA MET A 64 -15.54 29.72 3.59
C MET A 64 -16.95 30.29 3.35
N GLY A 65 -17.03 31.41 2.63
CA GLY A 65 -18.31 31.99 2.18
C GLY A 65 -19.12 31.01 1.33
N ASN A 66 -18.43 30.37 0.38
CA ASN A 66 -19.04 29.34 -0.46
C ASN A 66 -19.61 28.22 0.41
N LEU A 67 -18.79 27.73 1.34
CA LEU A 67 -19.19 26.58 2.16
C LEU A 67 -20.37 26.92 3.06
N GLU A 68 -20.38 28.13 3.60
CA GLU A 68 -21.51 28.54 4.45
C GLU A 68 -22.84 28.51 3.68
N PHE A 69 -22.84 29.10 2.50
CA PHE A 69 -24.00 29.01 1.60
C PHE A 69 -24.36 27.56 1.26
N LEU A 70 -23.37 26.75 0.86
CA LEU A 70 -23.65 25.40 0.38
C LEU A 70 -24.30 24.56 1.48
N ILE A 71 -23.70 24.59 2.65
CA ILE A 71 -24.19 23.84 3.81
C ILE A 71 -25.58 24.32 4.24
N ASP A 72 -25.77 25.62 4.34
CA ASP A 72 -27.09 26.18 4.63
C ASP A 72 -28.16 25.67 3.64
N ASN A 73 -27.77 25.47 2.37
CA ASN A 73 -28.71 25.00 1.36
C ASN A 73 -28.72 23.50 1.12
N GLY A 74 -28.01 22.73 1.96
CA GLY A 74 -27.98 21.26 1.84
C GLY A 74 -27.31 20.75 0.56
N ILE A 75 -26.39 21.53 0.04
CA ILE A 75 -25.67 21.18 -1.18
C ILE A 75 -24.32 20.60 -0.75
N HIS A 76 -24.07 19.36 -1.13
CA HIS A 76 -22.81 18.68 -0.84
C HIS A 76 -21.65 19.39 -1.53
N ALA A 77 -20.48 19.32 -0.93
CA ALA A 77 -19.32 20.00 -1.45
C ALA A 77 -18.06 19.14 -1.49
N VAL A 78 -17.44 19.09 -2.66
CA VAL A 78 -16.17 18.42 -2.89
C VAL A 78 -15.18 19.57 -3.09
N VAL A 79 -14.28 19.72 -2.13
CA VAL A 79 -13.44 20.91 -2.03
C VAL A 79 -11.94 20.58 -2.14
N GLY A 80 -11.30 21.20 -3.12
CA GLY A 80 -9.88 21.08 -3.41
C GLY A 80 -9.07 22.30 -3.05
N THR A 81 -9.77 23.37 -2.75
CA THR A 81 -9.18 24.60 -2.25
C THR A 81 -8.40 24.31 -0.97
N THR A 82 -7.21 24.89 -0.84
CA THR A 82 -6.36 24.78 0.36
C THR A 82 -6.61 25.91 1.40
N GLY A 83 -5.71 26.02 2.37
CA GLY A 83 -5.73 27.08 3.36
C GLY A 83 -6.60 26.74 4.56
N PHE A 84 -6.88 25.45 4.76
CA PHE A 84 -7.76 25.01 5.89
C PHE A 84 -7.05 24.77 7.22
N THR A 85 -7.08 25.81 8.05
CA THR A 85 -6.64 25.79 9.43
C THR A 85 -7.61 25.00 10.31
N ALA A 86 -7.17 24.70 11.52
CA ALA A 86 -8.01 24.02 12.53
C ALA A 86 -9.28 24.84 12.83
N GLU A 87 -9.15 26.16 12.93
CA GLU A 87 -10.28 27.08 13.12
C GLU A 87 -11.30 26.95 11.97
N ARG A 88 -10.82 26.95 10.73
CA ARG A 88 -11.70 26.73 9.55
C ARG A 88 -12.43 25.36 9.54
N PHE A 89 -11.69 24.28 9.81
CA PHE A 89 -12.31 22.94 9.89
C PHE A 89 -13.40 22.93 10.96
N GLN A 90 -13.12 23.55 12.09
CA GLN A 90 -14.09 23.65 13.22
C GLN A 90 -15.36 24.40 12.83
N GLN A 91 -15.19 25.53 12.14
CA GLN A 91 -16.31 26.32 11.62
C GLN A 91 -17.19 25.48 10.68
N VAL A 92 -16.55 24.73 9.80
CA VAL A 92 -17.30 23.87 8.88
C VAL A 92 -18.11 22.81 9.66
N GLU A 93 -17.47 22.17 10.63
CA GLU A 93 -18.12 21.18 11.51
C GLU A 93 -19.36 21.72 12.20
N SER A 94 -19.25 22.91 12.79
CA SER A 94 -20.39 23.54 13.47
C SER A 94 -21.52 23.91 12.50
N TRP A 95 -21.20 24.41 11.31
CA TRP A 95 -22.26 24.65 10.29
C TRP A 95 -23.03 23.37 9.98
N LEU A 96 -22.31 22.26 9.92
CA LEU A 96 -22.93 20.97 9.59
C LEU A 96 -23.90 20.34 10.68
N VAL A 97 -23.71 20.69 11.95
CA VAL A 97 -24.60 20.25 13.04
C VAL A 97 -26.04 20.60 12.68
N ALA A 98 -26.27 21.82 12.21
CA ALA A 98 -27.61 22.27 11.77
C ALA A 98 -28.13 21.54 10.52
N LYS A 99 -27.24 20.98 9.71
CA LYS A 99 -27.65 20.32 8.46
C LYS A 99 -27.09 18.91 8.32
N PRO A 100 -27.48 18.02 9.23
CA PRO A 100 -26.93 16.67 9.33
C PRO A 100 -26.90 15.79 8.06
N ASN A 101 -27.80 16.03 7.12
CA ASN A 101 -27.82 15.27 5.85
C ASN A 101 -26.70 15.62 4.86
N THR A 102 -26.20 16.84 5.01
CA THR A 102 -25.19 17.36 4.11
C THR A 102 -23.78 16.82 4.32
N SER A 103 -23.05 16.62 3.23
CA SER A 103 -21.70 16.09 3.24
C SER A 103 -20.72 17.06 2.61
N VAL A 104 -19.57 17.19 3.25
CA VAL A 104 -18.49 18.01 2.75
C VAL A 104 -17.23 17.17 2.80
N LEU A 105 -16.49 17.21 1.70
CA LEU A 105 -15.18 16.56 1.63
C LEU A 105 -14.12 17.57 1.24
N ILE A 106 -13.07 17.65 2.06
CA ILE A 106 -11.98 18.56 1.79
C ILE A 106 -10.73 17.72 1.69
N ALA A 107 -10.01 17.86 0.60
CA ALA A 107 -8.86 17.00 0.38
C ALA A 107 -7.76 17.77 -0.27
N PRO A 108 -6.53 17.58 0.21
CA PRO A 108 -5.40 18.25 -0.39
C PRO A 108 -4.90 17.59 -1.70
N ASN A 109 -5.28 16.35 -1.97
CA ASN A 109 -4.86 15.66 -3.20
C ASN A 109 -5.98 14.76 -3.67
N PHE A 110 -6.38 14.92 -4.93
CA PHE A 110 -7.42 14.06 -5.52
C PHE A 110 -6.89 13.02 -6.49
N ALA A 111 -5.57 13.03 -6.78
CA ALA A 111 -5.03 12.02 -7.69
C ALA A 111 -5.03 10.70 -6.96
N ILE A 112 -5.75 9.71 -7.47
CA ILE A 112 -5.91 8.45 -6.78
C ILE A 112 -4.55 7.79 -6.49
N GLY A 113 -3.67 7.85 -7.49
CA GLY A 113 -2.32 7.32 -7.40
C GLY A 113 -1.48 7.97 -6.31
N ALA A 114 -1.61 9.28 -6.17
CA ALA A 114 -0.88 9.99 -5.11
C ALA A 114 -1.44 9.67 -3.74
N VAL A 115 -2.77 9.51 -3.65
CA VAL A 115 -3.41 9.15 -2.38
C VAL A 115 -3.00 7.75 -1.93
N LEU A 116 -3.04 6.80 -2.86
CA LEU A 116 -2.61 5.45 -2.53
C LEU A 116 -1.12 5.42 -2.08
N SER A 117 -0.28 6.17 -2.79
CA SER A 117 1.16 6.21 -2.49
C SER A 117 1.44 6.65 -1.12
N MET A 118 0.79 7.72 -0.70
CA MET A 118 0.97 8.23 0.65
C MET A 118 0.50 7.24 1.69
N HIS A 119 -0.64 6.63 1.43
CA HIS A 119 -1.18 5.58 2.31
C HIS A 119 -0.20 4.41 2.43
N PHE A 120 0.35 3.98 1.29
CA PHE A 120 1.32 2.89 1.29
C PHE A 120 2.60 3.23 2.04
N ALA A 121 3.10 4.44 1.81
CA ALA A 121 4.26 4.93 2.56
C ALA A 121 4.04 4.93 4.06
N LYS A 122 2.85 5.34 4.48
CA LYS A 122 2.47 5.34 5.91
C LYS A 122 2.44 3.92 6.48
N GLN A 123 1.88 2.96 5.74
CA GLN A 123 1.82 1.59 6.21
C GLN A 123 3.21 0.91 6.29
N ALA A 124 4.07 1.15 5.29
CA ALA A 124 5.40 0.54 5.23
C ALA A 124 6.43 1.13 6.20
N ALA A 125 6.24 2.37 6.65
CA ALA A 125 7.34 3.16 7.25
C ALA A 125 7.96 2.55 8.53
N ARG A 126 7.13 1.97 9.37
CA ARG A 126 7.65 1.40 10.63
C ARG A 126 8.39 0.08 10.46
N PHE A 127 8.37 -0.53 9.27
CA PHE A 127 8.94 -1.86 9.11
C PHE A 127 10.34 -1.91 8.52
N PHE A 128 11.01 -0.77 8.35
CA PHE A 128 12.32 -0.71 7.69
C PHE A 128 13.26 0.20 8.45
N ASP A 129 14.56 -0.08 8.36
CA ASP A 129 15.56 0.71 9.09
C ASP A 129 15.69 2.11 8.48
N SER A 130 15.56 2.21 7.16
CA SER A 130 15.79 3.47 6.44
C SER A 130 14.58 3.90 5.60
N ALA A 131 14.38 5.22 5.53
CA ALA A 131 13.36 5.80 4.64
C ALA A 131 13.86 7.11 4.08
N GLU A 132 13.67 7.30 2.78
CA GLU A 132 14.05 8.52 2.04
C GLU A 132 13.02 8.80 0.95
N VAL A 133 12.90 10.06 0.59
CA VAL A 133 12.00 10.49 -0.48
C VAL A 133 12.81 11.15 -1.59
N ILE A 134 12.55 10.76 -2.83
CA ILE A 134 13.06 11.44 -4.03
C ILE A 134 11.87 11.93 -4.82
N GLU A 135 11.86 13.22 -5.12
CA GLU A 135 10.82 13.79 -5.96
C GLU A 135 11.50 14.48 -7.15
N LEU A 136 10.81 14.44 -8.29
CA LEU A 136 11.36 14.89 -9.54
C LEU A 136 10.26 15.65 -10.26
N HIS A 137 10.58 16.88 -10.65
CA HIS A 137 9.62 17.79 -11.30
C HIS A 137 10.26 18.57 -12.43
N HIS A 138 9.41 19.08 -13.31
CA HIS A 138 9.79 20.07 -14.32
C HIS A 138 10.59 21.21 -13.68
N PRO A 139 11.47 21.89 -14.45
CA PRO A 139 12.31 22.93 -13.88
C PRO A 139 11.69 24.37 -13.82
N HIS A 140 10.39 24.49 -14.04
CA HIS A 140 9.59 25.73 -13.74
C HIS A 140 8.95 25.75 -12.35
N LYS A 141 9.25 24.75 -11.53
CA LYS A 141 8.63 24.66 -10.21
C LYS A 141 9.36 25.53 -9.19
N ALA A 142 8.58 26.37 -8.49
CA ALA A 142 9.13 27.36 -7.56
C ALA A 142 9.65 26.75 -6.24
N ASP A 143 8.99 25.71 -5.76
CA ASP A 143 9.25 25.16 -4.41
C ASP A 143 9.99 23.80 -4.41
N ALA A 144 11.01 23.71 -3.55
CA ALA A 144 11.81 22.50 -3.36
C ALA A 144 11.97 22.21 -1.85
N PRO A 145 11.46 21.10 -1.35
CA PRO A 145 10.80 20.08 -2.13
C PRO A 145 9.34 20.45 -2.29
N SER A 146 8.65 19.72 -3.15
CA SER A 146 7.21 19.90 -3.36
C SER A 146 6.43 19.75 -2.07
N GLY A 147 5.23 20.33 -2.08
CA GLY A 147 4.24 20.13 -1.03
C GLY A 147 3.99 18.64 -0.75
N THR A 148 3.72 17.87 -1.80
CA THR A 148 3.40 16.44 -1.66
C THR A 148 4.57 15.65 -1.02
N ALA A 149 5.79 15.97 -1.40
CA ALA A 149 6.96 15.30 -0.85
C ALA A 149 7.15 15.62 0.64
N ALA A 150 6.94 16.88 0.99
CA ALA A 150 7.05 17.34 2.38
C ALA A 150 6.01 16.69 3.26
N ARG A 151 4.77 16.63 2.79
CA ARG A 151 3.67 15.96 3.50
C ARG A 151 3.94 14.46 3.66
N THR A 152 4.41 13.84 2.58
CA THR A 152 4.77 12.42 2.60
C THR A 152 5.88 12.15 3.63
N ALA A 153 6.93 12.96 3.63
CA ALA A 153 8.02 12.78 4.59
C ALA A 153 7.53 12.93 6.05
N LYS A 154 6.58 13.84 6.26
CA LYS A 154 6.02 14.06 7.61
C LYS A 154 5.19 12.88 8.08
N LEU A 155 4.35 12.35 7.20
CA LEU A 155 3.62 11.10 7.50
C LEU A 155 4.58 9.98 7.88
N ILE A 156 5.61 9.81 7.08
CA ILE A 156 6.64 8.77 7.32
C ILE A 156 7.29 8.95 8.69
N ALA A 157 7.71 10.17 9.01
CA ALA A 157 8.38 10.48 10.31
C ALA A 157 7.47 10.13 11.47
N GLU A 158 6.24 10.64 11.39
CA GLU A 158 5.16 10.35 12.37
C GLU A 158 4.98 8.84 12.60
N ALA A 159 4.85 8.07 11.51
CA ALA A 159 4.68 6.63 11.61
C ALA A 159 5.91 5.90 12.17
N ARG A 160 7.08 6.55 12.12
CA ARG A 160 8.33 5.99 12.63
C ARG A 160 8.71 6.46 14.03
N LYS A 161 7.79 7.10 14.75
CA LYS A 161 8.13 7.66 16.07
C LYS A 161 8.45 6.47 17.00
N GLY A 162 9.49 6.61 17.79
CA GLY A 162 9.92 5.51 18.65
C GLY A 162 10.75 4.43 17.96
N LEU A 163 11.03 4.59 16.67
CA LEU A 163 12.13 3.89 16.02
C LEU A 163 13.45 4.64 16.09
N PRO A 164 14.58 3.90 16.07
CA PRO A 164 15.86 4.61 15.85
C PRO A 164 15.87 5.45 14.56
N PRO A 165 16.59 6.58 14.52
CA PRO A 165 16.61 7.37 13.28
C PRO A 165 17.28 6.60 12.13
N ASN A 166 17.21 7.15 10.91
CA ASN A 166 17.86 6.52 9.75
C ASN A 166 19.33 6.32 10.04
N PRO A 167 19.86 5.10 9.79
CA PRO A 167 21.32 4.97 9.94
C PRO A 167 22.08 5.79 8.88
N ASP A 168 23.19 6.40 9.28
CA ASP A 168 24.02 7.20 8.36
C ASP A 168 25.44 7.44 8.90
N ALA A 169 26.44 6.86 8.23
CA ALA A 169 27.84 7.04 8.63
C ALA A 169 28.50 8.26 8.02
N THR A 170 27.74 9.08 7.29
CA THR A 170 28.33 10.26 6.65
C THR A 170 29.15 11.07 7.69
N SER A 171 30.46 11.15 7.43
CA SER A 171 31.39 12.01 8.21
C SER A 171 31.95 13.15 7.37
N THR A 172 31.99 12.99 6.04
CA THR A 172 32.50 14.02 5.15
C THR A 172 31.52 14.20 3.99
N SER A 173 31.21 15.46 3.66
CA SER A 173 30.28 15.76 2.57
C SER A 173 30.34 17.16 1.97
N LEU A 174 29.95 17.25 0.69
CA LEU A 174 29.65 18.53 0.09
C LEU A 174 28.30 18.98 0.63
N PRO A 175 28.11 20.30 0.84
CA PRO A 175 26.83 20.79 1.33
C PRO A 175 25.67 20.43 0.39
N GLY A 176 24.58 19.98 1.00
CA GLY A 176 23.35 19.57 0.28
C GLY A 176 23.26 18.15 -0.24
N ALA A 177 24.37 17.39 -0.20
CA ALA A 177 24.41 16.05 -0.80
C ALA A 177 23.37 15.08 -0.24
N ARG A 178 23.10 15.22 1.05
CA ARG A 178 22.16 14.36 1.76
C ARG A 178 20.71 14.86 1.76
N GLY A 179 20.42 15.86 0.94
CA GLY A 179 19.04 16.29 0.75
C GLY A 179 18.58 17.21 1.87
N ALA A 180 17.28 17.52 1.86
CA ALA A 180 16.67 18.32 2.94
C ALA A 180 16.14 17.37 4.01
N ASP A 181 16.30 17.77 5.26
CA ASP A 181 15.85 17.00 6.41
C ASP A 181 14.43 17.44 6.78
N VAL A 182 13.45 16.58 6.52
CA VAL A 182 12.06 16.82 6.94
C VAL A 182 11.71 15.80 8.03
N ASP A 183 11.73 16.26 9.29
CA ASP A 183 11.43 15.45 10.49
C ASP A 183 12.29 14.17 10.59
N GLY A 184 13.57 14.27 10.23
CA GLY A 184 14.51 13.12 10.20
C GLY A 184 14.50 12.28 8.91
N ILE A 185 13.72 12.70 7.93
CA ILE A 185 13.59 11.99 6.63
C ILE A 185 14.22 12.82 5.50
N PRO A 186 15.26 12.28 4.86
CA PRO A 186 15.86 13.02 3.73
C PRO A 186 14.91 13.13 2.53
N VAL A 187 14.87 14.31 1.94
CA VAL A 187 14.04 14.59 0.78
C VAL A 187 14.93 15.21 -0.28
N HIS A 188 15.00 14.55 -1.42
CA HIS A 188 15.82 15.00 -2.53
C HIS A 188 14.92 15.47 -3.65
N ALA A 189 15.24 16.64 -4.21
CA ALA A 189 14.40 17.34 -5.19
C ALA A 189 15.18 17.48 -6.49
N VAL A 190 14.75 16.73 -7.49
CA VAL A 190 15.34 16.78 -8.82
C VAL A 190 14.48 17.73 -9.65
N ARG A 191 15.12 18.59 -10.44
CA ARG A 191 14.45 19.51 -11.38
C ARG A 191 15.03 19.34 -12.77
N LEU A 192 14.25 18.79 -13.67
CA LEU A 192 14.77 18.31 -14.95
C LEU A 192 13.76 18.58 -16.04
N ALA A 193 14.19 19.24 -17.11
CA ALA A 193 13.37 19.46 -18.29
C ALA A 193 12.95 18.10 -18.80
N GLY A 194 11.72 18.01 -19.29
CA GLY A 194 11.17 16.76 -19.80
C GLY A 194 10.32 16.02 -18.76
N LEU A 195 10.46 16.38 -17.50
CA LEU A 195 9.63 15.79 -16.45
C LEU A 195 8.36 16.58 -16.23
N VAL A 196 7.36 15.92 -15.65
CA VAL A 196 6.15 16.57 -15.14
C VAL A 196 6.14 16.58 -13.59
N ALA A 197 5.58 15.55 -12.95
CA ALA A 197 5.53 15.42 -11.47
C ALA A 197 5.65 13.94 -11.07
N HIS A 198 6.68 13.65 -10.29
CA HIS A 198 7.10 12.28 -10.05
C HIS A 198 7.57 12.18 -8.64
N GLN A 199 7.24 11.08 -7.98
CA GLN A 199 7.72 10.86 -6.61
C GLN A 199 7.94 9.40 -6.30
N GLU A 200 9.09 9.13 -5.66
CA GLU A 200 9.52 7.82 -5.27
C GLU A 200 9.74 7.87 -3.77
N VAL A 201 9.16 6.93 -3.05
CA VAL A 201 9.46 6.75 -1.62
C VAL A 201 10.26 5.48 -1.53
N LEU A 202 11.43 5.53 -0.87
CA LEU A 202 12.32 4.38 -0.74
C LEU A 202 12.47 3.92 0.70
N PHE A 203 12.32 2.63 0.91
CA PHE A 203 12.43 1.98 2.24
C PHE A 203 13.44 0.88 2.13
N GLY A 204 14.26 0.73 3.18
CA GLY A 204 15.29 -0.31 3.17
C GLY A 204 15.71 -0.85 4.53
N THR A 205 16.08 -2.12 4.54
CA THR A 205 16.72 -2.82 5.69
C THR A 205 17.72 -3.72 5.02
N GLU A 206 18.79 -4.07 5.73
CA GLU A 206 19.81 -4.96 5.18
C GLU A 206 19.19 -6.15 4.44
N GLY A 207 19.56 -6.35 3.18
CA GLY A 207 18.99 -7.45 2.36
C GLY A 207 17.87 -7.06 1.38
N GLU A 208 17.04 -6.07 1.72
CA GLU A 208 15.91 -5.70 0.79
C GLU A 208 15.52 -4.24 0.80
N THR A 209 14.88 -3.82 -0.29
CA THR A 209 14.29 -2.49 -0.40
C THR A 209 12.88 -2.55 -1.03
N LEU A 210 12.12 -1.55 -0.69
CA LEU A 210 10.77 -1.41 -1.21
C LEU A 210 10.64 0.03 -1.72
N THR A 211 10.19 0.17 -2.95
CA THR A 211 10.03 1.47 -3.61
C THR A 211 8.59 1.69 -4.11
N ILE A 212 8.01 2.84 -3.76
CA ILE A 212 6.68 3.21 -4.21
C ILE A 212 6.85 4.46 -5.07
N ARG A 213 6.47 4.35 -6.33
CA ARG A 213 6.62 5.43 -7.28
C ARG A 213 5.31 5.85 -7.94
N HIS A 214 5.07 7.14 -7.91
CA HIS A 214 3.92 7.74 -8.53
C HIS A 214 4.38 8.67 -9.65
N ASP A 215 3.85 8.47 -10.87
CA ASP A 215 4.18 9.32 -11.98
C ASP A 215 2.90 9.94 -12.49
N SER A 216 2.93 11.26 -12.62
CA SER A 216 1.86 12.00 -13.26
C SER A 216 2.42 12.54 -14.57
N LEU A 217 1.89 12.09 -15.70
CA LEU A 217 2.41 12.50 -17.01
C LEU A 217 1.63 13.63 -17.64
N ASP A 218 0.60 14.07 -16.93
CA ASP A 218 -0.29 15.07 -17.44
C ASP A 218 -0.90 15.77 -16.23
N ARG A 219 -1.07 17.06 -16.36
CA ARG A 219 -1.56 17.94 -15.27
C ARG A 219 -3.02 17.62 -14.84
N THR A 220 -3.75 16.89 -15.67
CA THR A 220 -5.17 16.55 -15.45
C THR A 220 -5.42 15.14 -14.87
N SER A 221 -4.39 14.56 -14.28
CA SER A 221 -4.47 13.20 -13.72
C SER A 221 -5.28 13.02 -12.43
N PHE A 222 -5.62 14.14 -11.77
CA PHE A 222 -6.57 14.19 -10.63
C PHE A 222 -8.05 13.95 -10.95
N VAL A 223 -8.41 13.95 -12.23
CA VAL A 223 -9.84 14.00 -12.61
C VAL A 223 -10.60 12.80 -12.09
N PRO A 224 -10.02 11.59 -12.23
CA PRO A 224 -10.79 10.45 -11.75
C PRO A 224 -11.08 10.44 -10.25
N GLY A 225 -10.20 11.01 -9.45
CA GLY A 225 -10.46 11.11 -8.02
C GLY A 225 -11.53 12.14 -7.61
N VAL A 226 -11.58 13.25 -8.33
CA VAL A 226 -12.63 14.25 -8.07
C VAL A 226 -14.00 13.67 -8.40
N LEU A 227 -14.07 13.00 -9.53
CA LEU A 227 -15.34 12.37 -9.95
C LEU A 227 -15.78 11.29 -9.00
N LEU A 228 -14.80 10.53 -8.49
CA LEU A 228 -15.10 9.53 -7.48
C LEU A 228 -15.70 10.21 -6.27
N ALA A 229 -15.08 11.30 -5.82
CA ALA A 229 -15.56 12.02 -4.64
C ALA A 229 -16.99 12.54 -4.87
N VAL A 230 -17.23 13.12 -6.05
CA VAL A 230 -18.59 13.57 -6.42
C VAL A 230 -19.62 12.43 -6.35
N ARG A 231 -19.29 11.29 -6.93
CA ARG A 231 -20.27 10.18 -6.99
C ARG A 231 -20.60 9.58 -5.63
N ARG A 232 -19.60 9.62 -4.76
CA ARG A 232 -19.69 8.93 -3.50
C ARG A 232 -19.82 9.83 -2.30
N ILE A 233 -19.83 11.15 -2.50
CA ILE A 233 -19.70 12.07 -1.39
C ILE A 233 -20.83 11.95 -0.41
N ALA A 234 -22.02 11.63 -0.88
CA ALA A 234 -23.21 11.53 0.01
C ALA A 234 -23.25 10.29 0.92
N GLU A 235 -22.40 9.29 0.66
CA GLU A 235 -22.31 8.08 1.49
C GLU A 235 -21.90 8.40 2.93
N ARG A 236 -21.15 9.48 3.14
CA ARG A 236 -20.72 9.87 4.48
C ARG A 236 -21.28 11.24 4.88
N PRO A 237 -22.28 11.26 5.76
CA PRO A 237 -22.77 12.54 6.28
C PRO A 237 -21.70 13.34 7.01
N GLY A 238 -21.81 14.66 7.01
CA GLY A 238 -20.85 15.47 7.72
C GLY A 238 -19.57 15.71 6.95
N LEU A 239 -18.49 15.96 7.68
CA LEU A 239 -17.22 16.38 7.13
C LEU A 239 -16.30 15.20 7.00
N THR A 240 -15.70 15.02 5.83
CA THR A 240 -14.62 14.07 5.64
C THR A 240 -13.38 14.82 5.19
N VAL A 241 -12.23 14.51 5.80
CA VAL A 241 -10.97 15.17 5.46
C VAL A 241 -10.07 14.16 4.77
N GLY A 242 -9.71 14.44 3.52
CA GLY A 242 -8.90 13.52 2.71
C GLY A 242 -9.76 12.60 1.85
N LEU A 243 -9.21 12.21 0.71
CA LEU A 243 -9.87 11.29 -0.16
C LEU A 243 -9.79 9.82 0.32
N GLU A 244 -8.81 9.52 1.17
CA GLU A 244 -8.54 8.13 1.54
C GLU A 244 -9.76 7.34 2.09
N PRO A 245 -10.57 7.94 3.01
CA PRO A 245 -11.74 7.16 3.40
C PRO A 245 -12.63 6.70 2.26
N LEU A 246 -12.79 7.50 1.22
CA LEU A 246 -13.71 7.17 0.11
C LEU A 246 -13.26 6.01 -0.72
N LEU A 247 -11.96 5.73 -0.69
CA LEU A 247 -11.42 4.60 -1.41
C LEU A 247 -11.84 3.26 -0.79
N ASP A 248 -12.17 3.28 0.51
CA ASP A 248 -12.70 2.08 1.20
C ASP A 248 -11.56 1.06 1.29
N LEU A 249 -10.46 1.51 1.88
CA LEU A 249 -9.25 0.70 2.08
C LEU A 249 -9.29 0.02 3.43
N SER B 4 14.68 -15.23 30.85
CA SER B 4 13.89 -14.07 30.35
C SER B 4 13.57 -14.15 28.84
N GLY B 5 14.59 -14.41 28.01
CA GLY B 5 14.42 -14.52 26.54
C GLY B 5 13.55 -15.70 26.09
N MET B 6 12.78 -15.49 25.03
CA MET B 6 11.88 -16.49 24.48
C MET B 6 12.65 -17.69 23.97
N ARG B 7 12.21 -18.88 24.32
CA ARG B 7 12.89 -20.12 23.90
C ARG B 7 12.38 -20.64 22.53
N VAL B 8 13.27 -20.58 21.54
CA VAL B 8 12.93 -20.84 20.15
C VAL B 8 13.67 -22.07 19.68
N GLY B 9 12.96 -23.02 19.09
CA GLY B 9 13.60 -24.22 18.51
C GLY B 9 13.50 -24.10 16.99
N VAL B 10 14.40 -24.76 16.26
CA VAL B 10 14.37 -24.75 14.79
C VAL B 10 14.31 -26.17 14.33
N LEU B 11 13.30 -26.53 13.55
CA LEU B 11 13.24 -27.85 12.92
C LEU B 11 13.75 -27.76 11.49
N GLY B 12 14.38 -28.81 11.00
CA GLY B 12 15.10 -28.77 9.71
C GLY B 12 16.35 -27.92 9.77
N ALA B 13 17.06 -28.01 10.90
CA ALA B 13 18.18 -27.07 11.23
C ALA B 13 19.42 -27.18 10.33
N LYS B 14 19.55 -28.29 9.64
CA LYS B 14 20.65 -28.49 8.68
C LYS B 14 20.29 -28.14 7.25
N GLY B 15 19.01 -27.90 6.98
CA GLY B 15 18.60 -27.32 5.72
C GLY B 15 19.15 -25.90 5.59
N LYS B 16 19.07 -25.37 4.38
CA LYS B 16 19.58 -24.06 4.07
C LYS B 16 18.83 -22.93 4.81
N VAL B 17 17.48 -23.00 4.83
CA VAL B 17 16.72 -21.99 5.56
C VAL B 17 16.90 -22.14 7.07
N GLY B 18 16.75 -23.37 7.55
CA GLY B 18 16.93 -23.70 8.98
C GLY B 18 18.22 -23.21 9.58
N ALA B 19 19.33 -23.51 8.89
CA ALA B 19 20.70 -23.13 9.35
C ALA B 19 20.84 -21.61 9.47
N THR B 20 20.25 -20.89 8.51
CA THR B 20 20.17 -19.41 8.57
C THR B 20 19.40 -18.94 9.81
N MET B 21 18.27 -19.58 10.05
CA MET B 21 17.40 -19.19 11.19
C MET B 21 18.06 -19.50 12.53
N VAL B 22 18.79 -20.63 12.59
CA VAL B 22 19.63 -20.96 13.77
C VAL B 22 20.59 -19.84 14.10
N ARG B 23 21.33 -19.37 13.11
CA ARG B 23 22.25 -18.21 13.32
C ARG B 23 21.55 -16.93 13.77
N ALA B 24 20.39 -16.67 13.19
CA ALA B 24 19.68 -15.43 13.49
C ALA B 24 19.09 -15.48 14.90
N VAL B 25 18.59 -16.64 15.28
CA VAL B 25 18.08 -16.79 16.64
C VAL B 25 19.22 -16.62 17.65
N ALA B 26 20.37 -17.22 17.36
CA ALA B 26 21.51 -17.09 18.28
C ALA B 26 21.93 -15.64 18.41
N ALA B 27 21.99 -14.90 17.30
CA ALA B 27 22.37 -13.48 17.32
C ALA B 27 21.39 -12.55 18.04
N ALA B 28 20.10 -12.87 17.99
CA ALA B 28 19.08 -12.00 18.61
C ALA B 28 19.18 -12.02 20.15
N ASP B 29 19.20 -10.85 20.76
CA ASP B 29 19.40 -10.71 22.21
C ASP B 29 18.23 -11.23 23.03
N ASP B 30 17.03 -11.12 22.47
CA ASP B 30 15.79 -11.42 23.20
C ASP B 30 15.27 -12.85 22.94
N LEU B 31 15.98 -13.61 22.12
CA LEU B 31 15.62 -15.00 21.79
C LEU B 31 16.72 -15.99 22.19
N THR B 32 16.35 -17.10 22.80
CA THR B 32 17.30 -18.15 23.22
C THR B 32 17.05 -19.39 22.38
N LEU B 33 18.08 -19.92 21.73
CA LEU B 33 17.92 -21.10 20.90
C LEU B 33 17.80 -22.30 21.83
N SER B 34 16.69 -23.00 21.84
CA SER B 34 16.48 -24.07 22.78
C SER B 34 16.56 -25.44 22.14
N ALA B 35 16.62 -25.49 20.82
CA ALA B 35 16.73 -26.77 20.10
C ALA B 35 17.06 -26.54 18.67
N GLU B 36 17.85 -27.44 18.11
CA GLU B 36 18.14 -27.41 16.68
C GLU B 36 18.13 -28.83 16.14
N LEU B 37 16.98 -29.22 15.60
CA LEU B 37 16.68 -30.59 15.21
C LEU B 37 16.63 -30.76 13.73
N ASP B 38 17.05 -31.92 13.27
CA ASP B 38 16.83 -32.33 11.89
C ASP B 38 16.36 -33.78 11.92
N ALA B 39 16.13 -34.36 10.74
CA ALA B 39 15.70 -35.77 10.65
C ALA B 39 16.59 -36.69 11.49
N GLY B 40 15.95 -37.57 12.25
CA GLY B 40 16.62 -38.42 13.23
C GLY B 40 16.41 -37.99 14.67
N ASP B 41 16.15 -36.71 14.92
CA ASP B 41 16.09 -36.22 16.31
C ASP B 41 14.67 -36.36 16.85
N PRO B 42 14.50 -36.96 18.05
CA PRO B 42 13.12 -36.99 18.57
C PRO B 42 12.61 -35.61 19.03
N LEU B 43 11.33 -35.37 18.74
CA LEU B 43 10.66 -34.12 19.07
C LEU B 43 10.54 -33.86 20.56
N SER B 44 10.61 -34.92 21.35
CA SER B 44 10.68 -34.81 22.82
C SER B 44 11.84 -33.89 23.28
N LEU B 45 12.89 -33.76 22.47
CA LEU B 45 13.95 -32.74 22.74
C LEU B 45 13.40 -31.30 22.86
N LEU B 46 12.30 -31.00 22.17
CA LEU B 46 11.64 -29.70 22.25
C LEU B 46 11.05 -29.47 23.61
N THR B 47 10.32 -30.45 24.13
CA THR B 47 9.71 -30.36 25.46
C THR B 47 10.75 -30.54 26.58
N ASP B 48 11.72 -31.44 26.39
CA ASP B 48 12.84 -31.62 27.36
C ASP B 48 13.58 -30.29 27.68
N GLY B 49 13.75 -29.46 26.64
CA GLY B 49 14.42 -28.16 26.77
C GLY B 49 13.51 -26.93 26.85
N ASN B 50 12.21 -27.13 27.13
CA ASN B 50 11.24 -26.05 27.33
C ASN B 50 11.15 -25.08 26.17
N THR B 51 11.07 -25.62 24.97
CA THR B 51 10.88 -24.79 23.81
C THR B 51 9.45 -24.19 23.81
N GLU B 52 9.34 -22.88 23.54
CA GLU B 52 8.03 -22.22 23.50
C GLU B 52 7.44 -22.09 22.10
N VAL B 53 8.30 -21.88 21.11
CA VAL B 53 7.90 -21.64 19.70
C VAL B 53 8.96 -22.30 18.84
N VAL B 54 8.56 -22.86 17.72
CA VAL B 54 9.49 -23.36 16.74
C VAL B 54 9.31 -22.69 15.39
N ILE B 55 10.43 -22.67 14.67
CA ILE B 55 10.50 -22.33 13.29
C ILE B 55 10.67 -23.64 12.54
N ASP B 56 9.75 -23.91 11.62
CA ASP B 56 9.73 -25.13 10.82
C ASP B 56 9.76 -24.86 9.29
N PHE B 57 10.92 -25.12 8.70
CA PHE B 57 11.13 -25.21 7.25
C PHE B 57 11.71 -26.58 6.98
N THR B 58 10.88 -27.60 7.05
CA THR B 58 11.34 -28.98 6.89
C THR B 58 10.96 -29.44 5.50
N HIS B 59 10.20 -30.51 5.41
CA HIS B 59 9.81 -31.04 4.13
C HIS B 59 8.32 -31.33 4.26
N PRO B 60 7.57 -31.18 3.17
CA PRO B 60 6.13 -31.50 3.21
C PRO B 60 5.77 -32.90 3.77
N ASP B 61 6.64 -33.86 3.57
CA ASP B 61 6.43 -35.24 4.06
C ASP B 61 6.50 -35.41 5.59
N VAL B 62 7.12 -34.47 6.30
CA VAL B 62 7.27 -34.56 7.77
C VAL B 62 6.49 -33.51 8.59
N VAL B 63 6.10 -32.41 7.94
CA VAL B 63 5.59 -31.23 8.63
C VAL B 63 4.32 -31.52 9.43
N MET B 64 3.46 -32.41 8.91
CA MET B 64 2.22 -32.74 9.58
C MET B 64 2.46 -33.45 10.90
N GLY B 65 3.39 -34.41 10.90
CA GLY B 65 3.86 -35.10 12.13
C GLY B 65 4.39 -34.11 13.16
N ASN B 66 5.19 -33.17 12.68
CA ASN B 66 5.75 -32.11 13.53
C ASN B 66 4.63 -31.32 14.16
N LEU B 67 3.68 -30.92 13.33
CA LEU B 67 2.61 -30.01 13.78
C LEU B 67 1.71 -30.69 14.78
N GLU B 68 1.46 -31.97 14.58
CA GLU B 68 0.64 -32.72 15.54
C GLU B 68 1.25 -32.73 16.96
N PHE B 69 2.52 -33.05 17.00
CA PHE B 69 3.27 -32.98 18.24
C PHE B 69 3.28 -31.57 18.85
N LEU B 70 3.58 -30.57 18.03
CA LEU B 70 3.74 -29.18 18.53
C LEU B 70 2.45 -28.71 19.18
N ILE B 71 1.37 -28.92 18.46
CA ILE B 71 0.06 -28.49 18.92
C ILE B 71 -0.33 -29.22 20.19
N ASP B 72 -0.15 -30.53 20.19
CA ASP B 72 -0.46 -31.35 21.37
C ASP B 72 0.30 -30.85 22.62
N ASN B 73 1.53 -30.37 22.43
CA ASN B 73 2.34 -29.84 23.51
C ASN B 73 2.26 -28.34 23.75
N GLY B 74 1.34 -27.65 23.08
CA GLY B 74 1.17 -26.19 23.27
C GLY B 74 2.35 -25.35 22.82
N ILE B 75 3.10 -25.84 21.85
CA ILE B 75 4.29 -25.16 21.32
C ILE B 75 3.84 -24.46 20.04
N HIS B 76 3.95 -23.14 20.04
CA HIS B 76 3.60 -22.34 18.85
C HIS B 76 4.53 -22.67 17.66
N ALA B 77 3.99 -22.55 16.45
CA ALA B 77 4.75 -22.93 15.26
C ALA B 77 4.70 -21.86 14.15
N VAL B 78 5.88 -21.46 13.70
CA VAL B 78 6.06 -20.55 12.57
C VAL B 78 6.53 -21.44 11.45
N VAL B 79 5.70 -21.60 10.44
CA VAL B 79 5.87 -22.65 9.41
C VAL B 79 6.04 -22.03 8.01
N GLY B 80 7.18 -22.34 7.39
CA GLY B 80 7.51 -21.92 6.05
C GLY B 80 7.48 -23.04 5.03
N THR B 81 7.38 -24.26 5.51
CA THR B 81 7.19 -25.44 4.70
C THR B 81 5.95 -25.28 3.84
N THR B 82 6.05 -25.67 2.57
CA THR B 82 4.93 -25.69 1.63
C THR B 82 4.16 -27.04 1.61
N GLY B 83 3.31 -27.20 0.60
CA GLY B 83 2.59 -28.46 0.35
C GLY B 83 1.31 -28.54 1.14
N PHE B 84 0.79 -27.39 1.60
CA PHE B 84 -0.47 -27.34 2.35
C PHE B 84 -1.75 -27.30 1.51
N THR B 85 -2.28 -28.50 1.31
CA THR B 85 -3.60 -28.73 0.70
C THR B 85 -4.71 -28.31 1.67
N ALA B 86 -5.91 -28.22 1.13
CA ALA B 86 -7.10 -27.90 1.93
C ALA B 86 -7.35 -28.96 3.03
N GLU B 87 -7.17 -30.24 2.68
CA GLU B 87 -7.24 -31.32 3.67
C GLU B 87 -6.19 -31.13 4.83
N ARG B 88 -4.96 -30.80 4.50
CA ARG B 88 -3.95 -30.47 5.55
C ARG B 88 -4.29 -29.27 6.45
N PHE B 89 -4.71 -28.17 5.86
CA PHE B 89 -5.14 -26.98 6.64
C PHE B 89 -6.28 -27.37 7.60
N GLN B 90 -7.22 -28.18 7.11
CA GLN B 90 -8.37 -28.67 7.91
C GLN B 90 -7.93 -29.51 9.11
N GLN B 91 -7.00 -30.43 8.88
CA GLN B 91 -6.40 -31.22 9.93
C GLN B 91 -5.73 -30.33 11.02
N VAL B 92 -4.99 -29.31 10.57
CA VAL B 92 -4.33 -28.42 11.51
C VAL B 92 -5.37 -27.70 12.39
N GLU B 93 -6.40 -27.18 11.73
CA GLU B 93 -7.53 -26.52 12.42
C GLU B 93 -8.17 -27.43 13.47
N SER B 94 -8.47 -28.68 13.13
CA SER B 94 -9.04 -29.63 14.13
C SER B 94 -8.14 -29.88 15.31
N TRP B 95 -6.85 -30.09 15.07
CA TRP B 95 -5.91 -30.26 16.18
C TRP B 95 -5.96 -29.06 17.13
N LEU B 96 -6.09 -27.87 16.57
CA LEU B 96 -6.10 -26.63 17.37
C LEU B 96 -7.36 -26.39 18.24
N VAL B 97 -8.49 -27.00 17.87
CA VAL B 97 -9.71 -26.95 18.71
C VAL B 97 -9.42 -27.41 20.15
N ALA B 98 -8.71 -28.53 20.28
CA ALA B 98 -8.31 -29.08 21.60
C ALA B 98 -7.30 -28.20 22.36
N LYS B 99 -6.58 -27.33 21.66
CA LYS B 99 -5.53 -26.51 22.29
C LYS B 99 -5.65 -25.01 21.96
N PRO B 100 -6.77 -24.40 22.39
CA PRO B 100 -7.19 -23.06 21.97
C PRO B 100 -6.23 -21.92 22.28
N ASN B 101 -5.25 -22.10 23.16
CA ASN B 101 -4.23 -21.05 23.32
C ASN B 101 -2.97 -21.20 22.49
N THR B 102 -2.90 -22.25 21.68
CA THR B 102 -1.75 -22.46 20.81
C THR B 102 -1.93 -21.74 19.46
N SER B 103 -0.82 -21.25 18.92
CA SER B 103 -0.83 -20.53 17.67
C SER B 103 0.05 -21.21 16.64
N VAL B 104 -0.47 -21.28 15.42
CA VAL B 104 0.27 -21.79 14.29
C VAL B 104 0.18 -20.80 13.13
N LEU B 105 1.32 -20.40 12.58
CA LEU B 105 1.31 -19.52 11.40
C LEU B 105 1.95 -20.24 10.22
N ILE B 106 1.24 -20.28 9.09
CA ILE B 106 1.76 -20.92 7.89
C ILE B 106 1.80 -19.84 6.80
N ALA B 107 2.98 -19.58 6.23
CA ALA B 107 3.12 -18.46 5.30
C ALA B 107 4.00 -18.86 4.16
N PRO B 108 3.60 -18.50 2.94
CA PRO B 108 4.39 -18.72 1.74
C PRO B 108 5.59 -17.73 1.59
N ASN B 109 5.51 -16.54 2.23
CA ASN B 109 6.52 -15.50 2.08
C ASN B 109 6.74 -14.81 3.38
N PHE B 110 7.98 -14.76 3.82
CA PHE B 110 8.31 -14.08 5.06
C PHE B 110 9.06 -12.75 4.89
N ALA B 111 9.50 -12.45 3.67
CA ALA B 111 10.20 -11.15 3.46
C ALA B 111 9.17 -10.01 3.65
N ILE B 112 9.39 -9.13 4.62
CA ILE B 112 8.42 -8.10 4.97
C ILE B 112 8.09 -7.22 3.75
N GLY B 113 9.12 -6.87 3.00
CA GLY B 113 9.01 -6.07 1.78
C GLY B 113 8.15 -6.74 0.73
N ALA B 114 8.27 -8.06 0.61
CA ALA B 114 7.45 -8.78 -0.42
C ALA B 114 6.04 -8.87 0.07
N VAL B 115 5.86 -9.01 1.38
CA VAL B 115 4.51 -9.12 1.95
C VAL B 115 3.78 -7.81 1.82
N LEU B 116 4.44 -6.72 2.16
CA LEU B 116 3.83 -5.39 1.98
C LEU B 116 3.49 -5.09 0.53
N SER B 117 4.42 -5.44 -0.37
CA SER B 117 4.25 -5.23 -1.78
C SER B 117 3.01 -5.93 -2.30
N MET B 118 2.78 -7.17 -1.88
CA MET B 118 1.57 -7.91 -2.30
C MET B 118 0.28 -7.30 -1.77
N HIS B 119 0.30 -6.89 -0.51
CA HIS B 119 -0.83 -6.18 0.10
C HIS B 119 -1.14 -4.85 -0.62
N PHE B 120 -0.08 -4.09 -0.93
CA PHE B 120 -0.26 -2.82 -1.64
C PHE B 120 -0.86 -3.04 -3.04
N ALA B 121 -0.35 -4.04 -3.74
CA ALA B 121 -0.87 -4.38 -5.06
C ALA B 121 -2.35 -4.72 -4.99
N LYS B 122 -2.74 -5.45 -3.97
CA LYS B 122 -4.13 -5.83 -3.75
C LYS B 122 -5.01 -4.61 -3.51
N GLN B 123 -4.54 -3.67 -2.70
CA GLN B 123 -5.32 -2.46 -2.42
C GLN B 123 -5.47 -1.55 -3.66
N ALA B 124 -4.40 -1.42 -4.45
CA ALA B 124 -4.40 -0.53 -5.62
C ALA B 124 -5.17 -1.06 -6.83
N ALA B 125 -5.34 -2.37 -6.93
CA ALA B 125 -5.67 -3.01 -8.22
C ALA B 125 -6.98 -2.56 -8.85
N ARG B 126 -7.99 -2.36 -8.02
CA ARG B 126 -9.29 -1.98 -8.58
C ARG B 126 -9.40 -0.53 -9.03
N PHE B 127 -8.38 0.30 -8.78
CA PHE B 127 -8.51 1.74 -9.06
C PHE B 127 -7.83 2.19 -10.34
N PHE B 128 -7.39 1.26 -11.19
CA PHE B 128 -6.66 1.60 -12.41
C PHE B 128 -7.12 0.76 -13.57
N ASP B 129 -7.01 1.31 -14.77
CA ASP B 129 -7.46 0.60 -15.97
C ASP B 129 -6.55 -0.59 -16.30
N SER B 130 -5.24 -0.44 -16.08
CA SER B 130 -4.24 -1.45 -16.46
C SER B 130 -3.38 -1.93 -15.28
N ALA B 131 -3.01 -3.21 -15.31
CA ALA B 131 -2.10 -3.80 -14.33
C ALA B 131 -1.24 -4.85 -14.99
N GLU B 132 0.06 -4.80 -14.71
CA GLU B 132 1.05 -5.78 -15.21
C GLU B 132 2.13 -6.02 -14.15
N VAL B 133 2.74 -7.21 -14.21
CA VAL B 133 3.79 -7.58 -13.30
C VAL B 133 5.08 -7.86 -14.08
N ILE B 134 6.18 -7.27 -13.64
CA ILE B 134 7.52 -7.58 -14.17
C ILE B 134 8.33 -8.12 -13.03
N GLU B 135 8.88 -9.31 -13.22
CA GLU B 135 9.78 -9.88 -12.23
C GLU B 135 11.12 -10.12 -12.90
N LEU B 136 12.18 -9.99 -12.11
CA LEU B 136 13.55 -10.11 -12.62
C LEU B 136 14.35 -10.90 -11.62
N HIS B 137 15.01 -11.93 -12.11
CA HIS B 137 15.78 -12.86 -11.28
C HIS B 137 17.09 -13.25 -11.94
N HIS B 138 18.02 -13.75 -11.11
CA HIS B 138 19.25 -14.40 -11.60
C HIS B 138 18.92 -15.48 -12.64
N PRO B 139 19.88 -15.79 -13.53
CA PRO B 139 19.58 -16.73 -14.64
C PRO B 139 19.81 -18.23 -14.32
N HIS B 140 19.98 -18.55 -13.02
CA HIS B 140 19.93 -19.95 -12.48
C HIS B 140 18.54 -20.41 -12.00
N LYS B 141 17.53 -19.59 -12.17
CA LYS B 141 16.19 -19.90 -11.69
C LYS B 141 15.40 -20.78 -12.68
N ALA B 142 14.87 -21.89 -12.17
CA ALA B 142 14.23 -22.93 -12.99
C ALA B 142 12.85 -22.51 -13.52
N ASP B 143 12.12 -21.74 -12.71
CA ASP B 143 10.71 -21.42 -12.99
C ASP B 143 10.46 -19.97 -13.45
N ALA B 144 9.68 -19.84 -14.54
CA ALA B 144 9.25 -18.57 -15.09
C ALA B 144 7.72 -18.53 -15.36
N PRO B 145 6.96 -17.65 -14.73
CA PRO B 145 7.45 -16.69 -13.76
C PRO B 145 7.61 -17.31 -12.37
N SER B 146 8.26 -16.58 -11.47
CA SER B 146 8.41 -17.00 -10.06
C SER B 146 7.08 -17.28 -9.38
N GLY B 147 7.14 -18.07 -8.32
CA GLY B 147 6.01 -18.31 -7.42
C GLY B 147 5.40 -17.01 -6.92
N THR B 148 6.25 -16.09 -6.43
CA THR B 148 5.79 -14.81 -5.88
C THR B 148 5.05 -13.95 -6.92
N ALA B 149 5.56 -13.95 -8.15
CA ALA B 149 4.93 -13.17 -9.22
C ALA B 149 3.59 -13.72 -9.60
N ALA B 150 3.51 -15.04 -9.67
CA ALA B 150 2.27 -15.73 -10.01
C ALA B 150 1.19 -15.50 -8.96
N ARG B 151 1.57 -15.62 -7.68
CA ARG B 151 0.65 -15.35 -6.52
C ARG B 151 0.20 -13.88 -6.52
N THR B 152 1.15 -12.97 -6.78
CA THR B 152 0.83 -11.54 -6.90
C THR B 152 -0.19 -11.27 -8.04
N ALA B 153 0.07 -11.81 -9.21
CA ALA B 153 -0.85 -11.60 -10.34
C ALA B 153 -2.26 -12.14 -10.05
N LYS B 154 -2.33 -13.25 -9.30
CA LYS B 154 -3.63 -13.85 -8.92
C LYS B 154 -4.39 -12.97 -7.94
N LEU B 155 -3.69 -12.45 -6.94
CA LEU B 155 -4.30 -11.47 -6.04
C LEU B 155 -4.84 -10.27 -6.80
N ILE B 156 -4.05 -9.75 -7.70
CA ILE B 156 -4.45 -8.57 -8.53
C ILE B 156 -5.73 -8.92 -9.32
N ALA B 157 -5.72 -10.07 -9.99
CA ALA B 157 -6.87 -10.49 -10.81
C ALA B 157 -8.16 -10.55 -9.97
N GLU B 158 -8.03 -11.26 -8.86
CA GLU B 158 -9.10 -11.43 -7.88
C GLU B 158 -9.65 -10.08 -7.41
N ALA B 159 -8.77 -9.15 -7.06
CA ALA B 159 -9.21 -7.80 -6.66
C ALA B 159 -9.85 -6.98 -7.80
N ARG B 160 -9.60 -7.36 -9.05
CA ARG B 160 -10.15 -6.66 -10.23
C ARG B 160 -11.44 -7.27 -10.76
N LYS B 161 -12.09 -8.09 -9.93
CA LYS B 161 -13.33 -8.76 -10.29
C LYS B 161 -14.35 -7.76 -10.76
N GLY B 162 -14.98 -8.06 -11.88
CA GLY B 162 -15.97 -7.18 -12.44
C GLY B 162 -15.47 -6.05 -13.30
N LEU B 163 -14.17 -5.75 -13.23
CA LEU B 163 -13.63 -4.68 -14.06
C LEU B 163 -13.46 -5.16 -15.50
N PRO B 164 -13.54 -4.23 -16.48
CA PRO B 164 -13.11 -4.61 -17.84
C PRO B 164 -11.65 -5.15 -17.85
N PRO B 165 -11.32 -6.07 -18.76
CA PRO B 165 -9.94 -6.55 -18.80
C PRO B 165 -8.96 -5.42 -19.17
N ASN B 166 -7.66 -5.66 -19.01
CA ASN B 166 -6.63 -4.65 -19.37
C ASN B 166 -6.86 -4.21 -20.83
N PRO B 167 -6.89 -2.89 -21.11
CA PRO B 167 -7.00 -2.48 -22.53
C PRO B 167 -5.72 -2.84 -23.28
N ASP B 168 -5.88 -3.30 -24.51
CA ASP B 168 -4.76 -3.67 -25.36
C ASP B 168 -5.15 -3.73 -26.84
N ALA B 169 -4.59 -2.84 -27.66
CA ALA B 169 -4.85 -2.85 -29.13
C ALA B 169 -3.91 -3.78 -29.92
N THR B 170 -3.06 -4.55 -29.24
CA THR B 170 -2.12 -5.46 -29.94
C THR B 170 -2.90 -6.28 -30.98
N SER B 171 -2.54 -6.08 -32.25
CA SER B 171 -3.05 -6.87 -33.39
C SER B 171 -1.96 -7.70 -34.07
N THR B 172 -0.70 -7.28 -33.95
CA THR B 172 0.44 -8.00 -34.54
C THR B 172 1.56 -8.13 -33.49
N SER B 173 2.10 -9.33 -33.36
CA SER B 173 3.14 -9.60 -32.38
C SER B 173 3.98 -10.84 -32.65
N LEU B 174 5.21 -10.80 -32.15
CA LEU B 174 6.03 -11.99 -32.05
C LEU B 174 5.51 -12.78 -30.86
N PRO B 175 5.55 -14.12 -30.93
CA PRO B 175 5.10 -14.93 -29.79
C PRO B 175 5.89 -14.64 -28.50
N GLY B 176 5.16 -14.50 -27.40
CA GLY B 176 5.72 -14.21 -26.07
C GLY B 176 5.94 -12.76 -25.68
N ALA B 177 5.81 -11.84 -26.63
CA ALA B 177 6.14 -10.42 -26.38
C ALA B 177 5.31 -9.80 -25.25
N ARG B 178 4.04 -10.22 -25.16
CA ARG B 178 3.11 -9.68 -24.15
C ARG B 178 3.11 -10.47 -22.84
N GLY B 179 4.09 -11.34 -22.64
CA GLY B 179 4.27 -12.01 -21.36
C GLY B 179 3.33 -13.18 -21.19
N ALA B 180 3.32 -13.73 -19.98
CA ALA B 180 2.40 -14.83 -19.62
C ALA B 180 1.14 -14.25 -19.03
N ASP B 181 0.01 -14.85 -19.38
CA ASP B 181 -1.30 -14.40 -18.93
C ASP B 181 -1.65 -15.18 -17.67
N VAL B 182 -1.62 -14.52 -16.52
CA VAL B 182 -2.03 -15.13 -15.25
C VAL B 182 -3.33 -14.45 -14.83
N ASP B 183 -4.45 -15.14 -15.09
CA ASP B 183 -5.82 -14.67 -14.77
C ASP B 183 -6.16 -13.28 -15.39
N GLY B 184 -5.73 -13.06 -16.63
CA GLY B 184 -5.88 -11.75 -17.30
C GLY B 184 -4.80 -10.69 -17.00
N ILE B 185 -3.80 -11.05 -16.20
CA ILE B 185 -2.69 -10.12 -15.83
C ILE B 185 -1.38 -10.58 -16.48
N PRO B 186 -0.81 -9.73 -17.36
CA PRO B 186 0.51 -10.06 -17.94
C PRO B 186 1.64 -10.13 -16.90
N VAL B 187 2.47 -11.17 -17.01
CA VAL B 187 3.59 -11.37 -16.15
C VAL B 187 4.81 -11.60 -17.00
N HIS B 188 5.79 -10.72 -16.86
CA HIS B 188 7.03 -10.76 -17.64
C HIS B 188 8.17 -11.18 -16.74
N ALA B 189 8.98 -12.14 -17.22
CA ALA B 189 10.04 -12.75 -16.44
C ALA B 189 11.38 -12.49 -17.10
N VAL B 190 12.16 -11.65 -16.46
CA VAL B 190 13.48 -11.27 -16.92
C VAL B 190 14.47 -12.15 -16.15
N ARG B 191 15.46 -12.69 -16.88
CA ARG B 191 16.50 -13.55 -16.30
C ARG B 191 17.83 -12.98 -16.75
N LEU B 192 18.54 -12.36 -15.80
CA LEU B 192 19.70 -11.55 -16.14
C LEU B 192 20.74 -11.78 -15.10
N ALA B 193 21.95 -12.12 -15.58
CA ALA B 193 23.11 -12.21 -14.72
C ALA B 193 23.31 -10.88 -14.00
N GLY B 194 23.75 -10.93 -12.75
CA GLY B 194 23.89 -9.73 -11.91
C GLY B 194 22.69 -9.45 -11.02
N LEU B 195 21.54 -10.03 -11.34
CA LEU B 195 20.35 -9.87 -10.50
C LEU B 195 20.20 -10.94 -9.43
N VAL B 196 19.45 -10.62 -8.38
CA VAL B 196 19.03 -11.57 -7.36
C VAL B 196 17.54 -11.89 -7.50
N ALA B 197 16.66 -11.13 -6.82
CA ALA B 197 15.20 -11.34 -6.87
C ALA B 197 14.50 -9.99 -6.76
N HIS B 198 13.73 -9.67 -7.77
CA HIS B 198 13.21 -8.29 -7.94
C HIS B 198 11.83 -8.40 -8.54
N GLN B 199 10.92 -7.54 -8.10
CA GLN B 199 9.58 -7.51 -8.66
C GLN B 199 8.96 -6.12 -8.64
N GLU B 200 8.37 -5.78 -9.77
CA GLU B 200 7.71 -4.49 -9.99
C GLU B 200 6.28 -4.77 -10.39
N VAL B 201 5.33 -4.12 -9.72
CA VAL B 201 3.93 -4.21 -10.13
C VAL B 201 3.59 -2.83 -10.69
N LEU B 202 3.05 -2.79 -11.91
CA LEU B 202 2.70 -1.50 -12.56
C LEU B 202 1.19 -1.34 -12.72
N PHE B 203 0.71 -0.15 -12.38
CA PHE B 203 -0.70 0.20 -12.49
C PHE B 203 -0.77 1.50 -13.25
N GLY B 204 -1.76 1.61 -14.14
CA GLY B 204 -1.94 2.81 -14.94
C GLY B 204 -3.39 3.13 -15.38
N THR B 205 -3.68 4.42 -15.47
CA THR B 205 -4.93 5.00 -16.04
C THR B 205 -4.44 6.24 -16.75
N GLU B 206 -5.16 6.70 -17.76
CA GLU B 206 -4.79 7.92 -18.49
C GLU B 206 -4.41 9.06 -17.54
N GLY B 207 -3.23 9.64 -17.74
CA GLY B 207 -2.72 10.69 -16.82
C GLY B 207 -1.75 10.27 -15.70
N GLU B 208 -1.86 9.06 -15.15
CA GLU B 208 -0.92 8.65 -14.08
C GLU B 208 -0.59 7.15 -14.05
N THR B 209 0.56 6.85 -13.44
CA THR B 209 0.94 5.47 -13.14
C THR B 209 1.49 5.35 -11.70
N LEU B 210 1.37 4.14 -11.18
CA LEU B 210 1.77 3.82 -9.83
C LEU B 210 2.54 2.53 -9.93
N THR B 211 3.76 2.55 -9.40
CA THR B 211 4.65 1.39 -9.44
C THR B 211 5.10 0.98 -8.04
N ILE B 212 5.04 -0.31 -7.76
CA ILE B 212 5.45 -0.86 -6.48
C ILE B 212 6.55 -1.84 -6.78
N ARG B 213 7.74 -1.52 -6.27
CA ARG B 213 8.91 -2.34 -6.55
C ARG B 213 9.60 -2.87 -5.31
N HIS B 214 9.85 -4.17 -5.32
CA HIS B 214 10.52 -4.86 -4.22
C HIS B 214 11.81 -5.44 -4.70
N ASP B 215 12.89 -5.11 -4.03
CA ASP B 215 14.19 -5.66 -4.42
C ASP B 215 14.76 -6.42 -3.24
N SER B 216 15.18 -7.66 -3.51
CA SER B 216 15.98 -8.42 -2.57
C SER B 216 17.40 -8.53 -3.09
N LEU B 217 18.37 -8.03 -2.32
CA LEU B 217 19.77 -8.08 -2.73
C LEU B 217 20.57 -9.24 -2.12
N ASP B 218 19.94 -10.03 -1.27
CA ASP B 218 20.60 -11.15 -0.59
C ASP B 218 19.54 -12.21 -0.30
N ARG B 219 19.90 -13.48 -0.46
CA ARG B 219 18.93 -14.61 -0.33
C ARG B 219 18.39 -14.76 1.12
N THR B 220 19.04 -14.12 2.08
CA THR B 220 18.66 -14.19 3.49
C THR B 220 17.80 -13.00 3.96
N SER B 221 17.21 -12.25 3.03
CA SER B 221 16.42 -11.07 3.38
C SER B 221 15.05 -11.31 4.01
N PHE B 222 14.56 -12.55 3.99
CA PHE B 222 13.37 -13.00 4.75
C PHE B 222 13.55 -13.05 6.28
N VAL B 223 14.78 -12.98 6.75
CA VAL B 223 15.07 -13.30 8.17
C VAL B 223 14.30 -12.38 9.11
N PRO B 224 14.26 -11.07 8.81
CA PRO B 224 13.53 -10.23 9.73
C PRO B 224 12.04 -10.55 9.83
N GLY B 225 11.40 -11.02 8.78
CA GLY B 225 10.00 -11.42 8.88
C GLY B 225 9.72 -12.70 9.67
N VAL B 226 10.63 -13.65 9.59
CA VAL B 226 10.49 -14.88 10.37
C VAL B 226 10.61 -14.52 11.84
N LEU B 227 11.57 -13.68 12.18
CA LEU B 227 11.79 -13.28 13.58
C LEU B 227 10.61 -12.46 14.13
N LEU B 228 10.07 -11.62 13.28
CA LEU B 228 8.85 -10.86 13.63
C LEU B 228 7.70 -11.85 13.92
N ALA B 229 7.53 -12.86 13.06
CA ALA B 229 6.49 -13.90 13.27
C ALA B 229 6.72 -14.65 14.61
N VAL B 230 7.96 -15.02 14.87
CA VAL B 230 8.33 -15.65 16.14
C VAL B 230 7.97 -14.77 17.35
N ARG B 231 8.34 -13.50 17.29
CA ARG B 231 8.06 -12.60 18.45
C ARG B 231 6.57 -12.34 18.69
N ARG B 232 5.81 -12.35 17.61
CA ARG B 232 4.39 -11.96 17.68
C ARG B 232 3.42 -13.10 17.53
N ILE B 233 3.91 -14.31 17.31
CA ILE B 233 3.02 -15.42 16.93
C ILE B 233 1.92 -15.70 17.96
N ALA B 234 2.16 -15.54 19.25
CA ALA B 234 1.15 -15.80 20.28
C ALA B 234 -0.01 -14.78 20.38
N GLU B 235 0.08 -13.60 19.68
CA GLU B 235 -0.97 -12.58 19.70
C GLU B 235 -2.27 -13.11 19.08
N ARG B 236 -2.16 -14.07 18.15
CA ARG B 236 -3.34 -14.63 17.49
C ARG B 236 -3.50 -16.09 17.78
N PRO B 237 -4.48 -16.45 18.63
CA PRO B 237 -4.66 -17.86 18.87
C PRO B 237 -5.13 -18.59 17.63
N GLY B 238 -4.83 -19.87 17.53
CA GLY B 238 -5.28 -20.65 16.38
C GLY B 238 -4.40 -20.51 15.16
N LEU B 239 -5.01 -20.74 14.01
CA LEU B 239 -4.27 -20.82 12.75
C LEU B 239 -4.33 -19.50 12.05
N THR B 240 -3.20 -18.99 11.63
CA THR B 240 -3.14 -17.84 10.75
C THR B 240 -2.41 -18.24 9.46
N VAL B 241 -2.95 -17.83 8.32
CA VAL B 241 -2.37 -18.17 7.01
C VAL B 241 -1.87 -16.90 6.37
N GLY B 242 -0.57 -16.83 6.12
CA GLY B 242 0.07 -15.64 5.60
C GLY B 242 0.62 -14.73 6.68
N LEU B 243 1.68 -14.00 6.37
CA LEU B 243 2.30 -13.10 7.35
C LEU B 243 1.53 -11.79 7.51
N GLU B 244 0.75 -11.44 6.50
CA GLU B 244 0.10 -10.14 6.51
C GLU B 244 -0.74 -9.81 7.76
N PRO B 245 -1.61 -10.75 8.21
CA PRO B 245 -2.34 -10.34 9.43
C PRO B 245 -1.45 -9.90 10.59
N LEU B 246 -0.27 -10.50 10.72
CA LEU B 246 0.67 -10.16 11.81
C LEU B 246 1.23 -8.79 11.75
N LEU B 247 1.27 -8.20 10.57
CA LEU B 247 1.81 -6.87 10.40
C LEU B 247 0.88 -5.78 11.01
N ASP B 248 -0.40 -6.11 11.18
CA ASP B 248 -1.36 -5.26 11.90
C ASP B 248 -1.55 -3.96 11.12
N LEU B 249 -1.87 -4.12 9.85
CA LEU B 249 -2.06 -3.02 8.98
C LEU B 249 -3.44 -2.41 9.31
N HIS B 250 -3.42 -1.17 9.80
CA HIS B 250 -4.61 -0.33 9.90
C HIS B 250 -4.84 0.24 8.49
CL CL C . 3.09 19.94 -4.74
NA NA D . -22.87 14.68 -18.32
CL CL E . 9.62 -17.51 -5.63
CL CL F . 15.61 -19.41 -7.08
C2 PG4 G . 18.43 -3.53 -9.12
O2 PG4 G . 18.08 -3.95 -10.46
C3 PG4 G . 18.03 -2.87 -11.42
C4 PG4 G . 17.15 -3.10 -12.68
O3 PG4 G . 16.72 -1.81 -13.18
C5 PG4 G . 15.42 -1.50 -13.74
C6 PG4 G . 14.52 -2.61 -14.30
O4 PG4 G . 13.15 -2.19 -14.45
C3 PG4 H . 7.71 7.05 -16.68
C4 PG4 H . 6.64 6.01 -16.41
O3 PG4 H . 7.18 4.69 -16.21
C5 PG4 H . 7.03 4.10 -14.91
C6 PG4 H . 8.29 3.35 -14.49
O4 PG4 H . 8.32 2.09 -15.17
C7 PG4 H . 9.10 1.08 -14.55
C8 PG4 H . 9.27 -0.08 -15.55
O5 PG4 H . 10.52 -0.78 -15.50
NA NA I . 19.98 -15.25 21.18
#